data_9MQ5
#
_entry.id   9MQ5
#
_cell.length_a   70.960
_cell.length_b   30.130
_cell.length_c   115.690
_cell.angle_alpha   90.00
_cell.angle_beta   104.77
_cell.angle_gamma   90.00
#
_symmetry.space_group_name_H-M   'C 1 2 1'
#
loop_
_entity.id
_entity.type
_entity.pdbx_description
1 polymer 'Tyrosine-protein phosphatase non-receptor type 11'
2 polymer 'Myelin protein zero-like protein 1'
3 non-polymer 1,2-ETHANEDIOL
4 water water
#
loop_
_entity_poly.entity_id
_entity_poly.type
_entity_poly.pdbx_seq_one_letter_code
_entity_poly.pdbx_strand_id
1 'polypeptide(L)'
;GPLGSMTSRRWFHPNITGVEAENLLLTRGVDGSFLARPSKSNPGDFTLSVRRNGAVTHIKIQNTGDYYDLYGGEKFATLA
ELVQYYMEHHGQLKEKNGDVIELKYPLNCADPTSERWFHGHLSGKEAEKLLTEKGKHGSFLVRESQSHPGDFVLSVRTGD
DKGESNDGKSKVTHVMIRCQELKYDVGGGERFDSLTDLVEHYKKNPMVETLGTVLQLKQPLNTTR
;
A
2 'polypeptide(L)' GPVI(PTR)AQLDHSGGHHSDKINKSESVV(PTR)ADIRKN B
#
# COMPACT_ATOMS: atom_id res chain seq x y z
N ARG A 9 4.73 4.76 8.30
CA ARG A 9 4.28 4.36 6.96
C ARG A 9 5.46 4.12 6.01
N ARG A 10 5.17 4.07 4.70
CA ARG A 10 6.15 3.75 3.66
C ARG A 10 6.80 2.38 3.86
N TRP A 11 6.14 1.47 4.59
CA TRP A 11 6.71 0.16 4.85
C TRP A 11 6.59 -0.81 3.68
N PHE A 12 5.89 -0.46 2.59
CA PHE A 12 5.70 -1.40 1.48
C PHE A 12 6.77 -1.21 0.42
N HIS A 13 7.48 -2.28 0.10
CA HIS A 13 8.55 -2.29 -0.89
C HIS A 13 8.10 -3.13 -2.08
N PRO A 14 7.81 -2.51 -3.23
CA PRO A 14 7.13 -3.28 -4.29
C PRO A 14 8.03 -4.27 -5.02
N ASN A 15 9.33 -4.07 -5.06
CA ASN A 15 10.09 -4.76 -6.09
C ASN A 15 11.14 -5.71 -5.53
N ILE A 16 10.86 -6.33 -4.39
CA ILE A 16 11.90 -7.04 -3.66
C ILE A 16 11.47 -8.43 -3.23
N THR A 17 12.44 -9.35 -3.21
CA THR A 17 12.28 -10.68 -2.64
C THR A 17 12.65 -10.68 -1.16
N GLY A 18 12.48 -11.84 -0.52
CA GLY A 18 12.89 -11.96 0.86
C GLY A 18 14.39 -11.81 1.07
N VAL A 19 15.19 -12.21 0.10
CA VAL A 19 16.64 -12.06 0.24
C VAL A 19 17.02 -10.58 0.25
N GLU A 20 16.41 -9.80 -0.63
CA GLU A 20 16.66 -8.36 -0.62
C GLU A 20 16.10 -7.73 0.64
N ALA A 21 14.93 -8.18 1.09
CA ALA A 21 14.39 -7.68 2.35
C ALA A 21 15.36 -7.93 3.51
N GLU A 22 15.97 -9.12 3.54
CA GLU A 22 16.94 -9.40 4.59
C GLU A 22 18.13 -8.45 4.49
N ASN A 23 18.61 -8.21 3.26
CA ASN A 23 19.73 -7.28 3.08
C ASN A 23 19.37 -5.89 3.61
N LEU A 24 18.19 -5.40 3.25
CA LEU A 24 17.77 -4.06 3.69
C LEU A 24 17.64 -4.00 5.20
N LEU A 25 17.02 -5.02 5.80
CA LEU A 25 16.79 -4.97 7.24
C LEU A 25 18.07 -5.11 8.04
N LEU A 26 19.04 -5.88 7.53
CA LEU A 26 20.31 -6.01 8.23
C LEU A 26 21.26 -4.84 7.97
N THR A 27 21.04 -4.06 6.91
CA THR A 27 21.93 -2.93 6.67
C THR A 27 21.36 -1.61 7.17
N ARG A 28 20.10 -1.32 6.83
CA ARG A 28 19.47 -0.04 7.19
C ARG A 28 18.59 -0.14 8.42
N GLY A 29 18.21 -1.34 8.86
CA GLY A 29 17.25 -1.50 9.93
C GLY A 29 17.91 -1.70 11.30
N VAL A 30 17.05 -1.81 12.30
CA VAL A 30 17.44 -2.17 13.66
C VAL A 30 16.49 -3.26 14.12
N ASP A 31 16.77 -3.84 15.29
CA ASP A 31 15.83 -4.82 15.81
C ASP A 31 14.48 -4.17 16.05
N GLY A 32 13.44 -4.75 15.44
CA GLY A 32 12.09 -4.19 15.44
C GLY A 32 11.70 -3.59 14.11
N SER A 33 12.66 -3.35 13.22
CA SER A 33 12.34 -2.86 11.87
C SER A 33 11.58 -3.92 11.08
N PHE A 34 10.71 -3.47 10.19
CA PHE A 34 9.95 -4.40 9.37
C PHE A 34 9.57 -3.74 8.06
N LEU A 35 9.15 -4.57 7.12
CA LEU A 35 8.58 -4.10 5.85
C LEU A 35 7.60 -5.14 5.34
N ALA A 36 6.78 -4.74 4.37
CA ALA A 36 5.97 -5.69 3.61
C ALA A 36 6.37 -5.64 2.15
N ARG A 37 6.07 -6.72 1.44
CA ARG A 37 6.54 -6.92 0.07
C ARG A 37 5.69 -8.01 -0.56
N PRO A 38 5.76 -8.18 -1.88
CA PRO A 38 5.02 -9.29 -2.50
C PRO A 38 5.66 -10.63 -2.17
N SER A 39 4.85 -11.68 -2.28
CA SER A 39 5.33 -13.05 -2.12
C SER A 39 5.91 -13.56 -3.43
N LYS A 40 7.08 -14.17 -3.38
CA LYS A 40 7.59 -14.88 -4.55
C LYS A 40 7.12 -16.33 -4.60
N SER A 41 7.00 -16.98 -3.43
CA SER A 41 6.65 -18.40 -3.43
C SER A 41 5.20 -18.62 -3.83
N ASN A 42 4.32 -17.65 -3.57
CA ASN A 42 2.91 -17.75 -3.96
C ASN A 42 2.46 -16.42 -4.52
N PRO A 43 2.77 -16.15 -5.79
CA PRO A 43 2.36 -14.89 -6.43
C PRO A 43 0.91 -14.54 -6.13
N GLY A 44 0.71 -13.32 -5.65
CA GLY A 44 -0.60 -12.86 -5.23
C GLY A 44 -0.64 -12.62 -3.74
N ASP A 45 0.06 -13.48 -2.99
CA ASP A 45 0.24 -13.28 -1.56
C ASP A 45 1.22 -12.13 -1.29
N PHE A 46 1.29 -11.74 -0.02
CA PHE A 46 2.29 -10.78 0.43
C PHE A 46 3.09 -11.39 1.55
N THR A 47 4.05 -10.64 2.07
CA THR A 47 4.91 -11.13 3.14
C THR A 47 5.30 -9.95 4.01
N LEU A 48 5.37 -10.19 5.32
CA LEU A 48 6.08 -9.31 6.23
C LEU A 48 7.48 -9.85 6.42
N SER A 49 8.48 -8.97 6.42
CA SER A 49 9.85 -9.35 6.77
C SER A 49 10.25 -8.46 7.93
N VAL A 50 10.67 -9.09 9.04
CA VAL A 50 10.81 -8.42 10.34
C VAL A 50 12.18 -8.73 10.91
N ARG A 51 12.90 -7.70 11.34
CA ARG A 51 14.18 -7.89 12.02
C ARG A 51 13.94 -8.08 13.52
N ARG A 52 14.47 -9.18 14.05
CA ARG A 52 14.33 -9.49 15.46
C ARG A 52 15.63 -10.15 15.88
N ASN A 53 16.25 -9.59 16.92
CA ASN A 53 17.44 -10.17 17.53
C ASN A 53 18.54 -10.41 16.49
N GLY A 54 18.74 -9.42 15.62
CA GLY A 54 19.81 -9.51 14.64
C GLY A 54 19.59 -10.51 13.52
N ALA A 55 18.36 -10.99 13.33
CA ALA A 55 18.06 -11.90 12.23
C ALA A 55 16.72 -11.50 11.63
N VAL A 56 16.37 -12.06 10.48
CA VAL A 56 15.14 -11.68 9.80
C VAL A 56 14.19 -12.87 9.75
N THR A 57 12.93 -12.61 10.09
N THR A 57 12.95 -12.64 10.14
CA THR A 57 11.83 -13.56 10.07
CA THR A 57 11.88 -13.62 10.03
C THR A 57 10.84 -13.13 9.00
C THR A 57 10.90 -13.15 8.96
N HIS A 58 10.33 -14.09 8.22
CA HIS A 58 9.35 -13.79 7.17
C HIS A 58 8.02 -14.42 7.54
N ILE A 59 6.94 -13.65 7.34
CA ILE A 59 5.58 -14.07 7.69
C ILE A 59 4.71 -13.99 6.42
N LYS A 60 4.09 -15.11 6.07
CA LYS A 60 3.25 -15.16 4.88
C LYS A 60 1.93 -14.44 5.12
N ILE A 61 1.48 -13.67 4.13
CA ILE A 61 0.19 -12.99 4.17
C ILE A 61 -0.67 -13.59 3.07
N GLN A 62 -1.72 -14.30 3.47
CA GLN A 62 -2.67 -14.87 2.53
C GLN A 62 -3.54 -13.77 1.92
N ASN A 63 -3.69 -13.81 0.60
CA ASN A 63 -4.59 -12.91 -0.09
C ASN A 63 -5.64 -13.77 -0.78
N THR A 64 -6.84 -13.86 -0.21
CA THR A 64 -7.89 -14.64 -0.84
C THR A 64 -8.61 -13.88 -1.94
N GLY A 65 -8.37 -12.59 -2.07
CA GLY A 65 -9.18 -11.75 -2.95
C GLY A 65 -10.35 -11.09 -2.27
N ASP A 66 -10.83 -11.66 -1.16
CA ASP A 66 -11.82 -11.02 -0.31
C ASP A 66 -11.24 -10.48 0.99
N TYR A 67 -10.08 -10.98 1.42
CA TYR A 67 -9.46 -10.50 2.65
C TYR A 67 -8.00 -10.91 2.66
N TYR A 68 -7.26 -10.34 3.61
CA TYR A 68 -5.89 -10.71 3.92
C TYR A 68 -5.84 -11.21 5.35
N ASP A 69 -5.09 -12.27 5.59
CA ASP A 69 -4.79 -12.71 6.96
C ASP A 69 -3.40 -13.34 6.96
N LEU A 70 -3.00 -13.88 8.10
CA LEU A 70 -1.71 -14.56 8.21
C LEU A 70 -1.88 -16.06 8.20
N TYR A 71 -2.67 -16.58 7.26
CA TYR A 71 -3.13 -17.97 7.30
C TYR A 71 -3.65 -18.33 8.70
N GLY A 72 -4.71 -17.62 9.07
CA GLY A 72 -5.24 -17.65 10.40
C GLY A 72 -5.24 -16.26 11.02
N GLY A 73 -5.93 -16.15 12.15
CA GLY A 73 -5.96 -14.88 12.84
C GLY A 73 -7.02 -13.94 12.29
N GLU A 74 -6.91 -12.69 12.71
CA GLU A 74 -7.82 -11.66 12.23
C GLU A 74 -7.71 -11.48 10.72
N LYS A 75 -8.84 -11.13 10.09
CA LYS A 75 -8.91 -10.88 8.65
C LYS A 75 -9.11 -9.39 8.37
N PHE A 76 -8.55 -8.94 7.24
CA PHE A 76 -8.53 -7.51 6.90
C PHE A 76 -8.85 -7.31 5.42
N ALA A 77 -9.54 -6.21 5.14
CA ALA A 77 -9.91 -5.90 3.75
C ALA A 77 -8.71 -5.42 2.95
N THR A 78 -7.71 -4.83 3.60
CA THR A 78 -6.54 -4.31 2.90
C THR A 78 -5.28 -4.70 3.64
N LEU A 79 -4.17 -4.69 2.91
CA LEU A 79 -2.87 -4.99 3.50
C LEU A 79 -2.50 -3.96 4.57
N ALA A 80 -2.74 -2.66 4.28
CA ALA A 80 -2.40 -1.61 5.23
C ALA A 80 -3.15 -1.79 6.56
N GLU A 81 -4.40 -2.23 6.49
CA GLU A 81 -5.16 -2.47 7.72
C GLU A 81 -4.56 -3.62 8.53
N LEU A 82 -4.15 -4.70 7.85
CA LEU A 82 -3.48 -5.80 8.54
C LEU A 82 -2.21 -5.31 9.22
N VAL A 83 -1.38 -4.57 8.49
CA VAL A 83 -0.12 -4.12 9.06
C VAL A 83 -0.38 -3.21 10.26
N GLN A 84 -1.34 -2.28 10.13
N GLN A 84 -1.34 -2.28 10.13
CA GLN A 84 -1.61 -1.37 11.25
CA GLN A 84 -1.64 -1.36 11.23
C GLN A 84 -2.10 -2.12 12.47
C GLN A 84 -2.11 -2.12 12.45
N TYR A 85 -2.98 -3.12 12.26
CA TYR A 85 -3.47 -3.91 13.38
C TYR A 85 -2.32 -4.58 14.11
N TYR A 86 -1.39 -5.18 13.36
CA TYR A 86 -0.33 -5.90 14.06
C TYR A 86 0.73 -4.98 14.63
N MET A 87 0.85 -3.75 14.12
CA MET A 87 1.66 -2.75 14.82
C MET A 87 1.02 -2.32 16.13
N GLU A 88 -0.32 -2.26 16.18
CA GLU A 88 -0.98 -1.68 17.34
C GLU A 88 -1.36 -2.69 18.41
N HIS A 89 -1.42 -3.98 18.08
CA HIS A 89 -1.87 -5.01 19.03
C HIS A 89 -0.68 -5.89 19.41
N HIS A 90 -0.06 -5.56 20.54
N HIS A 90 -0.04 -5.54 20.52
CA HIS A 90 1.15 -6.25 20.96
CA HIS A 90 1.14 -6.27 20.96
C HIS A 90 0.83 -7.68 21.42
C HIS A 90 0.79 -7.70 21.34
N GLY A 91 1.66 -8.63 20.98
CA GLY A 91 1.54 -10.00 21.39
C GLY A 91 0.71 -10.90 20.48
N GLN A 92 0.13 -10.37 19.42
N GLN A 92 0.09 -10.36 19.43
CA GLN A 92 -0.76 -11.15 18.56
CA GLN A 92 -0.76 -11.15 18.55
C GLN A 92 -0.01 -11.87 17.44
C GLN A 92 0.03 -11.98 17.54
N LEU A 93 1.27 -11.60 17.27
CA LEU A 93 2.14 -12.31 16.33
C LEU A 93 3.09 -13.16 17.18
N LYS A 94 2.85 -14.46 17.23
CA LYS A 94 3.69 -15.30 18.06
C LYS A 94 3.96 -16.63 17.36
N GLU A 95 5.15 -17.17 17.61
CA GLU A 95 5.53 -18.47 17.11
C GLU A 95 5.18 -19.54 18.15
N LYS A 96 5.51 -20.80 17.85
CA LYS A 96 4.99 -21.90 18.66
C LYS A 96 5.69 -22.01 20.02
N ASN A 97 6.95 -21.58 20.14
CA ASN A 97 7.59 -21.57 21.45
C ASN A 97 7.17 -20.38 22.30
N GLY A 98 6.31 -19.51 21.79
CA GLY A 98 5.86 -18.35 22.52
C GLY A 98 6.52 -17.06 22.09
N ASP A 99 7.58 -17.14 21.29
CA ASP A 99 8.30 -15.95 20.86
C ASP A 99 7.37 -15.01 20.12
N VAL A 100 7.32 -13.77 20.58
CA VAL A 100 6.51 -12.73 19.96
C VAL A 100 7.33 -12.09 18.85
N ILE A 101 6.64 -11.68 17.79
CA ILE A 101 7.23 -10.93 16.69
C ILE A 101 6.62 -9.53 16.74
N GLU A 102 7.46 -8.52 16.85
CA GLU A 102 7.00 -7.14 17.05
C GLU A 102 7.30 -6.33 15.81
N LEU A 103 6.27 -5.68 15.27
CA LEU A 103 6.40 -4.72 14.15
C LEU A 103 6.54 -3.33 14.73
N LYS A 104 7.77 -2.89 14.96
CA LYS A 104 7.97 -1.61 15.65
C LYS A 104 8.27 -0.45 14.70
N TYR A 105 9.18 -0.64 13.74
CA TYR A 105 9.76 0.50 13.03
C TYR A 105 9.67 0.21 11.55
N PRO A 106 8.76 0.86 10.82
N PRO A 106 8.80 0.90 10.82
CA PRO A 106 8.73 0.65 9.37
CA PRO A 106 8.74 0.68 9.37
C PRO A 106 10.06 1.05 8.74
C PRO A 106 10.07 1.06 8.73
N LEU A 107 10.60 0.15 7.91
CA LEU A 107 11.80 0.43 7.13
C LEU A 107 11.32 1.01 5.81
N ASN A 108 11.63 2.28 5.60
CA ASN A 108 10.97 3.05 4.57
C ASN A 108 11.54 2.75 3.21
N CYS A 109 10.65 2.63 2.25
CA CYS A 109 10.98 2.57 0.85
C CYS A 109 10.98 3.98 0.27
N ALA A 110 11.91 4.27 -0.63
CA ALA A 110 11.97 5.59 -1.26
C ALA A 110 10.71 5.85 -2.08
N ASP A 111 10.23 7.09 -2.02
CA ASP A 111 9.06 7.49 -2.78
C ASP A 111 9.34 7.43 -4.28
N PRO A 112 8.32 7.13 -5.09
CA PRO A 112 8.54 7.08 -6.55
C PRO A 112 8.75 8.44 -7.16
N THR A 113 8.41 9.51 -6.45
CA THR A 113 8.68 10.86 -6.93
C THR A 113 8.89 11.77 -5.72
N SER A 114 9.53 12.90 -5.98
CA SER A 114 9.78 13.94 -4.99
C SER A 114 8.77 15.09 -5.08
N GLU A 115 7.92 15.09 -6.10
CA GLU A 115 6.97 16.19 -6.27
C GLU A 115 5.98 16.23 -5.12
N ARG A 116 5.57 17.45 -4.75
CA ARG A 116 4.67 17.66 -3.62
C ARG A 116 3.23 17.22 -3.89
N TRP A 117 2.87 16.92 -5.13
CA TRP A 117 1.53 16.40 -5.36
C TRP A 117 1.39 14.93 -5.01
N PHE A 118 2.46 14.29 -4.53
CA PHE A 118 2.42 12.87 -4.15
C PHE A 118 2.27 12.78 -2.65
N HIS A 119 1.21 12.11 -2.20
CA HIS A 119 0.86 12.06 -0.79
C HIS A 119 1.17 10.71 -0.15
N GLY A 120 1.82 9.80 -0.86
CA GLY A 120 2.25 8.56 -0.23
C GLY A 120 1.07 7.74 0.24
N HIS A 121 1.18 7.21 1.46
CA HIS A 121 0.05 6.57 2.09
C HIS A 121 -0.99 7.62 2.44
N LEU A 122 -2.12 7.55 1.74
CA LEU A 122 -3.26 8.42 1.99
C LEU A 122 -4.46 7.63 1.52
N SER A 123 -5.42 7.41 2.41
CA SER A 123 -6.58 6.65 2.01
C SER A 123 -7.41 7.44 1.01
N GLY A 124 -8.26 6.71 0.27
CA GLY A 124 -9.16 7.38 -0.66
C GLY A 124 -10.07 8.38 0.01
N LYS A 125 -10.62 8.01 1.18
CA LYS A 125 -11.51 8.94 1.88
C LYS A 125 -10.74 10.14 2.43
N GLU A 126 -9.53 9.91 2.93
CA GLU A 126 -8.70 11.04 3.37
C GLU A 126 -8.38 11.97 2.20
N ALA A 127 -8.12 11.40 1.03
CA ALA A 127 -7.83 12.21 -0.15
C ALA A 127 -9.07 12.99 -0.59
N GLU A 128 -10.25 12.37 -0.52
CA GLU A 128 -11.48 13.10 -0.84
C GLU A 128 -11.70 14.25 0.11
N LYS A 129 -11.49 14.03 1.42
CA LYS A 129 -11.62 15.11 2.39
C LYS A 129 -10.64 16.23 2.08
N LEU A 130 -9.38 15.89 1.79
CA LEU A 130 -8.38 16.90 1.46
C LEU A 130 -8.80 17.71 0.26
N LEU A 131 -9.24 17.04 -0.81
CA LEU A 131 -9.58 17.74 -2.04
C LEU A 131 -10.84 18.59 -1.90
N THR A 132 -11.80 18.16 -1.08
CA THR A 132 -13.01 18.97 -0.90
C THR A 132 -12.73 20.18 -0.01
N GLU A 133 -11.93 20.02 1.05
CA GLU A 133 -11.63 21.14 1.92
C GLU A 133 -10.70 22.14 1.23
N LYS A 134 -9.53 21.68 0.79
CA LYS A 134 -8.45 22.57 0.38
C LYS A 134 -8.34 22.75 -1.13
N GLY A 135 -9.01 21.93 -1.93
CA GLY A 135 -8.84 21.96 -3.38
C GLY A 135 -9.87 22.81 -4.10
N LYS A 136 -9.60 23.03 -5.38
CA LYS A 136 -10.48 23.73 -6.31
C LYS A 136 -10.74 22.84 -7.52
N HIS A 137 -11.60 23.30 -8.42
CA HIS A 137 -11.84 22.57 -9.66
C HIS A 137 -10.54 22.37 -10.42
N GLY A 138 -10.26 21.12 -10.78
CA GLY A 138 -9.02 20.80 -11.46
C GLY A 138 -7.85 20.50 -10.56
N SER A 139 -8.04 20.51 -9.24
CA SER A 139 -6.98 20.14 -8.32
C SER A 139 -6.81 18.62 -8.31
N PHE A 140 -5.56 18.19 -8.11
CA PHE A 140 -5.24 16.77 -8.22
C PHE A 140 -4.12 16.39 -7.25
N LEU A 141 -4.09 15.11 -6.88
CA LEU A 141 -2.99 14.55 -6.13
C LEU A 141 -2.78 13.10 -6.57
N VAL A 142 -1.64 12.54 -6.18
CA VAL A 142 -1.36 11.12 -6.41
C VAL A 142 -1.05 10.47 -5.07
N ARG A 143 -1.53 9.25 -4.90
CA ARG A 143 -1.36 8.54 -3.64
C ARG A 143 -1.18 7.06 -3.93
N GLU A 144 -0.81 6.32 -2.89
CA GLU A 144 -0.74 4.87 -3.04
C GLU A 144 -2.16 4.29 -3.06
N SER A 145 -2.34 3.24 -3.86
CA SER A 145 -3.57 2.46 -3.79
C SER A 145 -3.53 1.56 -2.57
N GLN A 146 -4.60 1.60 -1.77
N GLN A 146 -4.60 1.57 -1.78
CA GLN A 146 -4.72 0.68 -0.65
CA GLN A 146 -4.69 0.64 -0.66
C GLN A 146 -5.28 -0.67 -1.09
C GLN A 146 -5.36 -0.67 -1.02
N SER A 147 -6.17 -0.69 -2.09
CA SER A 147 -6.77 -1.94 -2.53
C SER A 147 -5.86 -2.75 -3.43
N HIS A 148 -4.88 -2.12 -4.06
CA HIS A 148 -3.93 -2.78 -4.95
C HIS A 148 -2.52 -2.37 -4.55
N PRO A 149 -1.94 -3.02 -3.53
CA PRO A 149 -0.60 -2.64 -3.07
C PRO A 149 0.39 -2.65 -4.22
N GLY A 150 1.14 -1.56 -4.33
CA GLY A 150 2.10 -1.38 -5.39
C GLY A 150 1.60 -0.50 -6.53
N ASP A 151 0.29 -0.30 -6.64
CA ASP A 151 -0.27 0.61 -7.61
C ASP A 151 -0.51 1.97 -6.95
N PHE A 152 -0.85 2.95 -7.77
CA PHE A 152 -1.06 4.31 -7.30
C PHE A 152 -2.41 4.80 -7.78
N VAL A 153 -2.77 6.03 -7.42
CA VAL A 153 -4.08 6.60 -7.71
C VAL A 153 -3.92 8.08 -7.99
N LEU A 154 -4.50 8.54 -9.09
CA LEU A 154 -4.68 9.96 -9.35
C LEU A 154 -6.07 10.36 -8.85
N SER A 155 -6.12 11.17 -7.81
CA SER A 155 -7.39 11.67 -7.27
C SER A 155 -7.55 13.12 -7.72
N VAL A 156 -8.68 13.43 -8.34
CA VAL A 156 -8.91 14.71 -9.01
C VAL A 156 -10.23 15.29 -8.52
N ARG A 157 -10.21 16.56 -8.14
CA ARG A 157 -11.43 17.27 -7.77
C ARG A 157 -12.06 17.93 -8.98
N THR A 158 -13.35 17.70 -9.17
CA THR A 158 -14.16 18.43 -10.16
C THR A 158 -15.52 18.77 -9.57
N SER A 170 -19.89 19.25 -6.62
CA SER A 170 -18.49 18.90 -6.85
C SER A 170 -18.23 17.45 -6.44
N LYS A 171 -17.28 16.81 -7.09
CA LYS A 171 -16.99 15.41 -6.83
C LYS A 171 -15.48 15.21 -6.83
N VAL A 172 -15.05 14.04 -6.35
CA VAL A 172 -13.66 13.63 -6.40
C VAL A 172 -13.60 12.29 -7.12
N THR A 173 -12.79 12.23 -8.17
CA THR A 173 -12.65 11.04 -9.00
C THR A 173 -11.31 10.38 -8.72
N HIS A 174 -11.31 9.05 -8.61
CA HIS A 174 -10.08 8.30 -8.37
C HIS A 174 -9.77 7.43 -9.58
N VAL A 175 -8.55 7.57 -10.11
CA VAL A 175 -8.09 6.84 -11.30
C VAL A 175 -6.93 5.95 -10.90
N MET A 176 -7.10 4.64 -11.06
N MET A 176 -7.11 4.65 -11.06
CA MET A 176 -6.04 3.72 -10.70
CA MET A 176 -6.04 3.70 -10.75
C MET A 176 -4.89 3.84 -11.70
C MET A 176 -4.89 3.87 -11.72
N ILE A 177 -3.66 3.88 -11.18
CA ILE A 177 -2.45 3.90 -11.97
C ILE A 177 -1.75 2.58 -11.73
N ARG A 178 -1.74 1.72 -12.73
CA ARG A 178 -1.03 0.44 -12.59
C ARG A 178 0.47 0.66 -12.70
N CYS A 179 1.21 0.02 -11.79
CA CYS A 179 2.67 0.04 -11.81
C CYS A 179 3.16 -1.40 -11.91
N GLN A 180 3.78 -1.73 -13.03
CA GLN A 180 4.38 -3.03 -13.21
C GLN A 180 5.67 -2.88 -14.01
N GLU A 181 6.71 -3.59 -13.57
CA GLU A 181 8.03 -3.53 -14.21
C GLU A 181 8.52 -2.09 -14.32
N LEU A 182 8.29 -1.36 -13.22
CA LEU A 182 8.70 0.04 -13.11
C LEU A 182 8.08 0.89 -14.22
N LYS A 183 6.96 0.50 -14.74
CA LYS A 183 6.23 1.29 -15.72
C LYS A 183 4.81 1.56 -15.23
N TYR A 184 4.29 2.72 -15.61
CA TYR A 184 3.03 3.24 -15.09
C TYR A 184 2.05 3.46 -16.22
N ASP A 185 0.81 3.07 -16.01
CA ASP A 185 -0.21 3.29 -17.03
C ASP A 185 -1.57 3.46 -16.37
N VAL A 186 -2.53 3.93 -17.16
CA VAL A 186 -3.90 4.15 -16.75
C VAL A 186 -4.79 3.33 -17.68
N GLY A 187 -5.44 2.30 -17.13
CA GLY A 187 -6.40 1.52 -17.90
C GLY A 187 -5.82 0.78 -19.08
N GLY A 188 -4.53 0.43 -19.02
CA GLY A 188 -3.88 -0.21 -20.15
C GLY A 188 -3.50 0.72 -21.27
N GLY A 189 -3.57 2.04 -21.06
CA GLY A 189 -3.19 3.00 -22.06
C GLY A 189 -1.68 3.12 -22.18
N GLU A 190 -1.25 4.28 -22.68
CA GLU A 190 0.16 4.58 -22.84
C GLU A 190 0.90 4.35 -21.52
N ARG A 191 2.10 3.80 -21.62
CA ARG A 191 2.89 3.47 -20.45
C ARG A 191 4.06 4.44 -20.32
N PHE A 192 4.41 4.77 -19.08
CA PHE A 192 5.40 5.79 -18.78
C PHE A 192 6.45 5.25 -17.82
N ASP A 193 7.65 5.82 -17.92
CA ASP A 193 8.79 5.33 -17.15
C ASP A 193 8.79 5.83 -15.72
N SER A 194 8.04 6.88 -15.41
CA SER A 194 7.99 7.40 -14.05
C SER A 194 6.62 7.98 -13.77
N LEU A 195 6.29 8.10 -12.48
CA LEU A 195 5.06 8.77 -12.08
C LEU A 195 4.99 10.19 -12.61
N THR A 196 6.11 10.91 -12.54
CA THR A 196 6.12 12.30 -12.97
C THR A 196 5.81 12.43 -14.45
N ASP A 197 6.39 11.55 -15.27
CA ASP A 197 6.11 11.55 -16.70
C ASP A 197 4.62 11.35 -16.97
N LEU A 198 4.02 10.36 -16.29
CA LEU A 198 2.59 10.09 -16.46
C LEU A 198 1.76 11.32 -16.09
N VAL A 199 2.09 11.95 -14.96
CA VAL A 199 1.32 13.11 -14.52
C VAL A 199 1.45 14.25 -15.52
N GLU A 200 2.68 14.53 -15.97
CA GLU A 200 2.89 15.60 -16.93
C GLU A 200 2.10 15.36 -18.21
N HIS A 201 2.20 14.14 -18.74
CA HIS A 201 1.43 13.78 -19.93
C HIS A 201 -0.05 14.08 -19.73
N TYR A 202 -0.63 13.54 -18.66
CA TYR A 202 -2.07 13.71 -18.48
C TYR A 202 -2.46 15.12 -18.07
N LYS A 203 -1.50 15.94 -17.65
CA LYS A 203 -1.76 17.37 -17.54
C LYS A 203 -1.90 17.99 -18.92
N LYS A 204 -1.04 17.60 -19.86
CA LYS A 204 -1.16 18.13 -21.22
C LYS A 204 -2.33 17.51 -21.98
N ASN A 205 -2.66 16.25 -21.70
CA ASN A 205 -3.68 15.50 -22.43
C ASN A 205 -4.71 14.95 -21.44
N PRO A 206 -5.67 15.77 -21.02
CA PRO A 206 -6.56 15.35 -19.93
C PRO A 206 -7.37 14.12 -20.32
N MET A 207 -7.35 13.12 -19.45
CA MET A 207 -8.22 11.96 -19.65
C MET A 207 -9.67 12.36 -19.38
N VAL A 208 -10.60 11.54 -19.86
CA VAL A 208 -12.03 11.78 -19.68
C VAL A 208 -12.66 10.47 -19.24
N GLU A 209 -13.52 10.54 -18.22
CA GLU A 209 -14.23 9.36 -17.75
C GLU A 209 -15.15 8.81 -18.84
N THR A 210 -15.59 7.56 -18.63
CA THR A 210 -16.59 6.99 -19.53
C THR A 210 -17.91 7.74 -19.42
N LEU A 211 -18.28 8.16 -18.21
CA LEU A 211 -19.47 8.98 -18.04
C LEU A 211 -19.34 10.37 -18.67
N GLY A 212 -18.12 10.76 -19.06
CA GLY A 212 -17.92 11.97 -19.83
C GLY A 212 -17.19 13.08 -19.10
N THR A 213 -16.93 12.93 -17.80
CA THR A 213 -16.29 14.00 -17.05
C THR A 213 -14.82 14.13 -17.43
N VAL A 214 -14.41 15.34 -17.79
CA VAL A 214 -13.02 15.62 -18.14
C VAL A 214 -12.23 15.86 -16.86
N LEU A 215 -11.15 15.11 -16.67
CA LEU A 215 -10.33 15.22 -15.47
C LEU A 215 -9.13 16.09 -15.77
N GLN A 216 -9.37 17.41 -15.79
CA GLN A 216 -8.28 18.35 -15.97
C GLN A 216 -7.38 18.33 -14.76
N LEU A 217 -6.07 18.36 -15.01
CA LEU A 217 -5.08 18.43 -13.94
C LEU A 217 -4.58 19.88 -13.92
N LYS A 218 -5.36 20.74 -13.29
CA LYS A 218 -5.14 22.18 -13.38
C LYS A 218 -4.09 22.66 -12.40
N GLN A 219 -4.11 22.16 -11.16
CA GLN A 219 -3.13 22.59 -10.18
C GLN A 219 -2.98 21.50 -9.15
N PRO A 220 -1.79 21.27 -8.62
CA PRO A 220 -1.64 20.24 -7.59
C PRO A 220 -2.19 20.69 -6.26
N LEU A 221 -2.70 19.74 -5.49
CA LEU A 221 -2.95 19.91 -4.07
C LEU A 221 -1.75 19.29 -3.35
N ASN A 222 -0.88 20.14 -2.82
CA ASN A 222 0.40 19.71 -2.30
C ASN A 222 0.31 19.22 -0.86
N THR A 223 1.16 18.26 -0.52
CA THR A 223 1.31 17.83 0.85
C THR A 223 1.79 18.99 1.72
N THR A 224 1.63 18.83 3.03
CA THR A 224 2.02 19.88 3.96
C THR A 224 3.31 19.54 4.69
N PRO B 2 16.36 -21.51 0.61
CA PRO B 2 15.95 -20.16 0.23
C PRO B 2 15.22 -19.45 1.36
N VAL B 3 14.20 -18.66 1.01
CA VAL B 3 13.45 -17.90 2.01
C VAL B 3 12.56 -18.83 2.81
N ILE B 4 12.68 -18.77 4.14
CA ILE B 4 11.91 -19.61 5.07
C ILE B 4 10.88 -18.73 5.82
N ALA B 6 7.91 -18.13 9.04
CA ALA B 6 7.52 -18.49 10.40
C ALA B 6 6.24 -19.33 10.43
N GLN B 7 6.17 -20.25 11.37
CA GLN B 7 4.94 -20.97 11.67
C GLN B 7 4.31 -20.27 12.86
N LEU B 8 3.24 -19.53 12.60
CA LEU B 8 2.59 -18.76 13.65
C LEU B 8 1.66 -19.64 14.46
N ASP B 9 1.51 -19.28 15.73
CA ASP B 9 0.52 -19.87 16.62
C ASP B 9 -0.63 -18.88 16.74
N HIS B 10 -1.78 -19.25 16.17
CA HIS B 10 -2.97 -18.41 16.24
C HIS B 10 -3.95 -18.85 17.32
N SER B 11 -3.54 -19.81 18.16
CA SER B 11 -4.40 -20.23 19.26
C SER B 11 -4.23 -19.27 20.44
N GLY B 12 -5.15 -19.36 21.38
CA GLY B 12 -5.06 -18.51 22.54
C GLY B 12 -5.79 -17.19 22.37
N GLY B 13 -6.42 -16.72 23.44
CA GLY B 13 -7.18 -15.49 23.37
C GLY B 13 -8.40 -15.64 22.48
N HIS B 14 -8.74 -14.56 21.80
CA HIS B 14 -9.90 -14.58 20.92
C HIS B 14 -9.64 -13.70 19.70
N HIS B 15 -10.22 -14.12 18.58
CA HIS B 15 -10.18 -13.33 17.34
C HIS B 15 -11.59 -13.21 16.79
N SER B 16 -11.85 -12.09 16.13
CA SER B 16 -13.11 -11.91 15.43
C SER B 16 -13.18 -12.85 14.21
N ASP B 17 -14.38 -12.98 13.65
CA ASP B 17 -14.56 -13.74 12.42
C ASP B 17 -14.92 -12.87 11.22
N LYS B 18 -15.17 -11.58 11.42
CA LYS B 18 -15.52 -10.69 10.33
C LYS B 18 -14.27 -10.19 9.61
N ILE B 19 -14.50 -9.49 8.50
CA ILE B 19 -13.43 -8.88 7.73
C ILE B 19 -13.33 -7.42 8.18
N ASN B 20 -12.29 -7.10 8.93
CA ASN B 20 -12.05 -5.72 9.34
C ASN B 20 -11.86 -4.84 8.11
N LYS B 21 -12.79 -3.91 7.92
CA LYS B 21 -12.80 -3.07 6.71
C LYS B 21 -13.08 -1.63 7.08
N SER B 22 -12.64 -0.73 6.21
CA SER B 22 -12.88 0.70 6.33
C SER B 22 -13.70 1.17 5.14
N GLU B 23 -14.26 2.37 5.27
CA GLU B 23 -14.95 2.99 4.15
C GLU B 23 -13.98 3.15 2.98
N SER B 24 -14.42 2.77 1.80
CA SER B 24 -13.57 2.80 0.62
C SER B 24 -14.21 3.67 -0.46
N VAL B 25 -13.40 3.98 -1.47
CA VAL B 25 -13.83 4.80 -2.59
C VAL B 25 -13.98 3.92 -3.82
N VAL B 26 -14.57 4.50 -4.87
CA VAL B 26 -14.77 3.80 -6.12
C VAL B 26 -13.79 4.34 -7.15
N ALA B 28 -12.80 5.14 -11.05
CA ALA B 28 -13.53 5.46 -12.27
C ALA B 28 -12.99 4.70 -13.46
N ASP B 29 -13.80 4.62 -14.51
CA ASP B 29 -13.43 4.04 -15.79
C ASP B 29 -13.03 5.16 -16.73
N ILE B 30 -11.92 4.97 -17.44
CA ILE B 30 -11.36 6.00 -18.32
C ILE B 30 -11.60 5.60 -19.77
N ARG B 31 -12.03 6.59 -20.57
CA ARG B 31 -12.23 6.36 -21.99
C ARG B 31 -10.88 6.20 -22.71
N LYS B 32 -10.81 5.20 -23.57
CA LYS B 32 -9.58 4.93 -24.32
C LYS B 32 -9.53 5.77 -25.59
#